data_5Z8H
#
_entry.id   5Z8H
#
_cell.length_a   51.486
_cell.length_b   63.328
_cell.length_c   52.974
_cell.angle_alpha   90.00
_cell.angle_beta   95.83
_cell.angle_gamma   90.00
#
_symmetry.space_group_name_H-M   'P 1 21 1'
#
loop_
_entity.id
_entity.type
_entity.pdbx_description
1 polymer 'Adenomatous polyposis coli protein'
2 polymer 'Peptide inhibitor'
3 non-polymer GLYCEROL
4 water water
#
loop_
_entity_poly.entity_id
_entity_poly.type
_entity_poly.pdbx_seq_one_letter_code
_entity_poly.pdbx_strand_id
1 'polypeptide(L)'
;HHHMLHLLEQIRAYCETCWEWQEAHEPGMDQDKNPMPAPVEHQICPAVCVLMKLSFDEEHRHAMNELGGLQAIAELLQVD
CEMYGLTNDHYSITLRRYAGMALTNLTFGDVANKATLCSMKGCMRALVAQLKSESEDLQQVIASVLRNLSWRADVNSKKT
LREVGSVKALMECALEVKKESTLKSVLSALWNLSAHCTENKADICAVDGALAFLVGTLTYRSQTNTLAIIESGGGILRNV
SSLIATNEDHRQILRENNCLQTLLQHLKSHSLTIVSNACGTLWNLSARNPKDQEALWDMGAVSMLKNLIHSKHKMIAMGS
AAALRNLMANRPAKYKDAN
;
A
2 'polypeptide(L)' (PHQ)AGESLYE(NH2) B
#
# COMPACT_ATOMS: atom_id res chain seq x y z
N HIS A 1 -2.17 -16.48 29.78
CA HIS A 1 -3.30 -15.56 29.43
C HIS A 1 -3.75 -14.69 30.61
N HIS A 2 -3.53 -15.09 31.85
CA HIS A 2 -3.41 -14.12 32.98
C HIS A 2 -2.37 -13.00 32.69
N HIS A 3 -1.26 -13.34 32.00
CA HIS A 3 -0.18 -12.34 31.79
C HIS A 3 -0.79 -11.24 30.83
N MET A 4 -1.39 -11.73 29.76
CA MET A 4 -2.02 -10.88 28.77
C MET A 4 -3.12 -10.00 29.36
N LEU A 5 -3.94 -10.60 30.22
CA LEU A 5 -4.96 -9.90 30.96
C LEU A 5 -4.35 -8.69 31.69
N HIS A 6 -3.28 -8.97 32.42
CA HIS A 6 -2.62 -7.94 33.20
C HIS A 6 -2.07 -6.76 32.36
N LEU A 7 -1.38 -7.11 31.27
CA LEU A 7 -0.79 -6.11 30.39
C LEU A 7 -1.91 -5.25 29.74
N LEU A 8 -2.97 -5.91 29.25
CA LEU A 8 -4.09 -5.14 28.74
C LEU A 8 -4.72 -4.24 29.76
N GLU A 9 -4.85 -4.69 31.02
CA GLU A 9 -5.33 -3.86 32.09
C GLU A 9 -4.54 -2.59 32.28
N GLN A 10 -3.24 -2.74 32.23
CA GLN A 10 -2.33 -1.64 32.38
C GLN A 10 -2.54 -0.64 31.26
N ILE A 11 -2.73 -1.13 30.06
CA ILE A 11 -2.95 -0.26 28.93
C ILE A 11 -4.26 0.46 29.06
N ARG A 12 -5.33 -0.27 29.33
CA ARG A 12 -6.67 0.37 29.51
C ARG A 12 -6.68 1.39 30.58
N ALA A 13 -6.03 1.08 31.69
CA ALA A 13 -6.01 2.06 32.79
C ALA A 13 -5.31 3.34 32.35
N TYR A 14 -4.14 3.18 31.71
CA TYR A 14 -3.42 4.30 31.23
C TYR A 14 -4.26 5.17 30.25
N CYS A 15 -4.94 4.49 29.29
CA CYS A 15 -5.82 5.22 28.35
C CYS A 15 -6.88 6.01 29.15
N GLU A 16 -7.45 5.41 30.17
CA GLU A 16 -8.55 6.03 30.93
C GLU A 16 -8.03 7.29 31.61
N THR A 17 -6.84 7.25 32.20
CA THR A 17 -6.22 8.47 32.70
C THR A 17 -5.98 9.52 31.66
N CYS A 18 -5.51 9.10 30.49
CA CYS A 18 -5.37 10.07 29.39
C CYS A 18 -6.72 10.68 28.98
N TRP A 19 -7.76 9.88 28.84
CA TRP A 19 -9.00 10.43 28.44
C TRP A 19 -9.59 11.41 29.51
N GLU A 20 -9.41 11.09 30.79
N GLU A 20 -9.41 11.09 30.79
CA GLU A 20 -9.76 12.03 31.87
CA GLU A 20 -9.76 12.02 31.90
C GLU A 20 -9.08 13.39 31.75
C GLU A 20 -9.06 13.39 31.80
N TRP A 21 -7.75 13.38 31.58
CA TRP A 21 -7.01 14.57 31.35
C TRP A 21 -7.50 15.35 30.13
N GLN A 22 -7.80 14.66 29.03
CA GLN A 22 -8.35 15.37 27.86
C GLN A 22 -9.73 15.98 28.17
N GLU A 23 -10.56 15.20 28.83
CA GLU A 23 -11.94 15.60 29.15
C GLU A 23 -11.96 16.65 30.23
N ALA A 24 -10.87 16.82 30.99
CA ALA A 24 -10.83 17.91 31.99
C ALA A 24 -10.91 19.24 31.32
N HIS A 25 -10.59 19.29 30.02
CA HIS A 25 -10.47 20.53 29.32
C HIS A 25 -11.76 20.94 28.60
N GLU A 26 -12.78 20.07 28.54
CA GLU A 26 -14.07 20.38 27.83
C GLU A 26 -14.88 21.45 28.60
N PRO A 27 -15.96 22.00 27.96
CA PRO A 27 -16.80 23.01 28.68
C PRO A 27 -17.85 22.40 29.66
N ASN A 34 -5.23 18.07 36.77
CA ASN A 34 -4.09 17.15 36.95
C ASN A 34 -3.02 17.20 35.84
N PRO A 35 -1.77 16.77 36.14
CA PRO A 35 -0.71 16.91 35.10
C PRO A 35 -1.01 16.01 33.90
N MET A 36 -0.40 16.36 32.80
CA MET A 36 -0.59 15.61 31.57
C MET A 36 0.13 14.23 31.71
N PRO A 37 -0.60 13.13 31.51
CA PRO A 37 0.00 11.78 31.67
C PRO A 37 1.09 11.57 30.66
N ALA A 38 2.13 10.90 31.17
CA ALA A 38 3.33 10.58 30.42
C ALA A 38 3.47 9.04 30.45
N PRO A 39 3.53 8.43 29.27
CA PRO A 39 3.56 6.95 29.23
C PRO A 39 4.74 6.33 29.97
N VAL A 40 5.85 7.04 30.08
CA VAL A 40 6.98 6.51 30.81
C VAL A 40 6.61 6.28 32.29
N GLU A 41 5.72 7.08 32.83
CA GLU A 41 5.46 7.05 34.30
C GLU A 41 4.57 5.84 34.60
N HIS A 42 4.06 5.21 33.51
CA HIS A 42 3.22 3.98 33.64
C HIS A 42 3.78 2.75 33.00
N GLN A 43 5.09 2.78 32.72
CA GLN A 43 5.74 1.63 32.12
C GLN A 43 5.01 1.02 30.92
N ILE A 44 4.57 1.90 30.00
CA ILE A 44 3.76 1.48 28.86
C ILE A 44 4.59 0.80 27.77
N CYS A 45 5.80 1.28 27.52
N CYS A 45 5.79 1.30 27.48
CA CYS A 45 6.56 0.71 26.45
CA CYS A 45 6.61 0.67 26.46
C CYS A 45 6.84 -0.78 26.59
C CYS A 45 6.70 -0.81 26.65
N PRO A 46 7.23 -1.26 27.79
CA PRO A 46 7.38 -2.69 27.98
C PRO A 46 6.09 -3.46 27.95
N ALA A 47 5.01 -2.87 28.38
CA ALA A 47 3.76 -3.59 28.30
C ALA A 47 3.37 -3.85 26.81
N VAL A 48 3.41 -2.84 25.95
N VAL A 48 3.44 -2.81 26.00
CA VAL A 48 3.11 -3.10 24.53
CA VAL A 48 3.19 -2.96 24.55
C VAL A 48 4.17 -3.90 23.82
C VAL A 48 4.16 -3.89 23.87
N CYS A 49 5.44 -3.83 24.28
CA CYS A 49 6.45 -4.69 23.70
C CYS A 49 6.07 -6.18 23.86
N VAL A 50 5.70 -6.52 25.08
CA VAL A 50 5.35 -7.94 25.39
C VAL A 50 4.14 -8.39 24.54
N LEU A 51 3.15 -7.56 24.51
CA LEU A 51 1.92 -7.88 23.75
C LEU A 51 2.27 -8.03 22.21
N MET A 52 3.12 -7.12 21.73
CA MET A 52 3.60 -7.21 20.37
C MET A 52 4.30 -8.56 20.10
N LYS A 53 5.17 -8.95 21.01
CA LYS A 53 5.82 -10.26 20.84
C LYS A 53 4.87 -11.44 20.87
N LEU A 54 3.88 -11.38 21.76
CA LEU A 54 2.86 -12.44 21.84
C LEU A 54 2.03 -12.48 20.60
N SER A 55 1.82 -11.31 19.96
CA SER A 55 0.90 -11.25 18.83
C SER A 55 1.37 -12.03 17.58
N PHE A 56 2.64 -12.43 17.49
CA PHE A 56 3.07 -13.20 16.37
C PHE A 56 2.52 -14.61 16.34
N ASP A 57 2.19 -15.13 17.49
CA ASP A 57 1.63 -16.47 17.61
C ASP A 57 0.11 -16.52 17.43
N GLU A 58 -0.37 -17.43 16.58
CA GLU A 58 -1.82 -17.47 16.31
C GLU A 58 -2.70 -17.74 17.55
N GLU A 59 -2.31 -18.70 18.41
CA GLU A 59 -3.05 -18.96 19.70
C GLU A 59 -3.09 -17.75 20.64
N HIS A 60 -1.95 -17.09 20.78
CA HIS A 60 -1.93 -15.88 21.61
C HIS A 60 -2.80 -14.75 21.02
N ARG A 61 -2.85 -14.66 19.68
CA ARG A 61 -3.73 -13.69 19.07
C ARG A 61 -5.21 -13.97 19.38
N HIS A 62 -5.62 -15.24 19.28
CA HIS A 62 -7.03 -15.60 19.67
C HIS A 62 -7.33 -15.19 21.09
N ALA A 63 -6.40 -15.46 22.00
CA ALA A 63 -6.53 -15.05 23.38
C ALA A 63 -6.68 -13.50 23.55
N MET A 64 -5.81 -12.77 22.87
CA MET A 64 -5.84 -11.30 22.84
C MET A 64 -7.19 -10.77 22.36
N ASN A 65 -7.72 -11.38 21.33
CA ASN A 65 -8.96 -10.96 20.73
C ASN A 65 -10.12 -11.16 21.71
N GLU A 66 -10.07 -12.17 22.56
CA GLU A 66 -11.19 -12.34 23.57
C GLU A 66 -11.21 -11.23 24.55
N LEU A 67 -10.06 -10.56 24.75
CA LEU A 67 -9.95 -9.41 25.65
C LEU A 67 -10.00 -8.05 24.95
N GLY A 68 -10.39 -7.99 23.70
CA GLY A 68 -10.41 -6.77 22.98
C GLY A 68 -9.02 -6.11 22.80
N GLY A 69 -8.01 -6.94 22.62
CA GLY A 69 -6.60 -6.45 22.52
C GLY A 69 -6.41 -5.40 21.40
N LEU A 70 -7.01 -5.67 20.23
CA LEU A 70 -6.94 -4.75 19.12
C LEU A 70 -7.45 -3.33 19.44
N GLN A 71 -8.63 -3.26 19.98
CA GLN A 71 -9.19 -2.02 20.40
C GLN A 71 -8.36 -1.30 21.40
N ALA A 72 -7.85 -2.02 22.40
CA ALA A 72 -7.12 -1.34 23.45
C ALA A 72 -5.78 -0.82 22.97
N ILE A 73 -5.13 -1.60 22.16
CA ILE A 73 -3.80 -1.18 21.64
C ILE A 73 -3.97 0.00 20.64
N ALA A 74 -5.00 -0.10 19.77
CA ALA A 74 -5.39 1.07 18.95
C ALA A 74 -5.75 2.37 19.69
N GLU A 75 -6.50 2.22 20.77
CA GLU A 75 -6.84 3.34 21.65
C GLU A 75 -5.55 4.00 22.20
N LEU A 76 -4.59 3.18 22.56
CA LEU A 76 -3.32 3.66 23.11
C LEU A 76 -2.60 4.45 22.07
N LEU A 77 -2.34 3.84 20.93
CA LEU A 77 -1.71 4.55 19.85
C LEU A 77 -2.39 5.89 19.53
N GLN A 78 -3.70 5.90 19.46
CA GLN A 78 -4.43 7.05 19.05
C GLN A 78 -4.25 8.14 20.14
N VAL A 79 -4.37 7.79 21.42
CA VAL A 79 -4.29 8.81 22.49
C VAL A 79 -2.87 9.39 22.60
N ASP A 80 -1.85 8.55 22.38
CA ASP A 80 -0.52 9.08 22.41
C ASP A 80 -0.26 10.03 21.26
N CYS A 81 -0.73 9.69 20.05
CA CYS A 81 -0.62 10.61 18.92
C CYS A 81 -1.34 11.98 19.11
N GLU A 82 -2.53 11.93 19.65
CA GLU A 82 -3.31 13.08 19.95
C GLU A 82 -2.62 13.97 20.97
N MET A 83 -2.13 13.34 22.03
CA MET A 83 -1.49 14.06 23.08
C MET A 83 -0.19 14.74 22.68
N TYR A 84 0.65 14.02 22.00
CA TYR A 84 2.02 14.50 21.77
C TYR A 84 2.33 14.69 20.30
N GLY A 85 1.44 14.25 19.40
CA GLY A 85 1.68 14.40 17.96
C GLY A 85 3.02 13.98 17.47
N LEU A 86 3.56 14.70 16.49
CA LEU A 86 4.89 14.35 15.94
C LEU A 86 5.97 15.17 16.60
N THR A 87 5.67 15.91 17.67
CA THR A 87 6.72 16.64 18.46
C THR A 87 6.88 15.85 19.80
N ASN A 88 7.02 14.53 19.63
CA ASN A 88 7.12 13.59 20.69
C ASN A 88 8.57 13.10 20.96
N ASP A 89 8.79 12.26 22.00
CA ASP A 89 10.13 11.79 22.28
C ASP A 89 10.33 10.33 21.77
N HIS A 90 11.49 9.79 22.00
CA HIS A 90 11.77 8.41 21.62
C HIS A 90 10.98 7.39 22.31
N TYR A 91 10.69 7.60 23.59
CA TYR A 91 9.81 6.66 24.28
C TYR A 91 8.47 6.48 23.53
N SER A 92 7.93 7.59 23.14
CA SER A 92 6.68 7.65 22.39
C SER A 92 6.81 7.02 20.96
N ILE A 93 7.81 7.39 20.19
CA ILE A 93 8.10 6.68 18.89
C ILE A 93 8.17 5.12 19.14
N THR A 94 8.87 4.72 20.22
CA THR A 94 9.04 3.32 20.46
C THR A 94 7.66 2.66 20.70
N LEU A 95 6.91 3.24 21.64
CA LEU A 95 5.55 2.74 21.95
C LEU A 95 4.67 2.61 20.71
N ARG A 96 4.72 3.62 19.83
CA ARG A 96 3.95 3.56 18.60
C ARG A 96 4.40 2.49 17.61
N ARG A 97 5.74 2.29 17.49
CA ARG A 97 6.23 1.16 16.74
C ARG A 97 5.72 -0.18 17.23
N TYR A 98 5.86 -0.49 18.53
CA TYR A 98 5.45 -1.81 19.04
C TYR A 98 3.96 -1.89 19.01
N ALA A 99 3.27 -0.79 19.17
CA ALA A 99 1.77 -0.87 19.05
C ALA A 99 1.40 -1.23 17.60
N GLY A 100 2.02 -0.55 16.66
CA GLY A 100 1.80 -0.67 15.20
C GLY A 100 2.11 -2.10 14.72
N MET A 101 3.22 -2.71 15.21
CA MET A 101 3.52 -4.13 14.95
C MET A 101 2.40 -5.03 15.43
N ALA A 102 1.96 -4.80 16.64
CA ALA A 102 0.83 -5.58 17.12
C ALA A 102 -0.44 -5.43 16.28
N LEU A 103 -0.74 -4.20 15.90
CA LEU A 103 -1.96 -3.92 15.08
C LEU A 103 -1.84 -4.61 13.69
N THR A 104 -0.61 -4.65 13.15
CA THR A 104 -0.35 -5.44 11.97
C THR A 104 -0.67 -6.89 12.18
N ASN A 105 -0.15 -7.50 13.24
CA ASN A 105 -0.41 -8.90 13.50
C ASN A 105 -1.89 -9.22 13.74
N LEU A 106 -2.59 -8.36 14.45
CA LEU A 106 -3.96 -8.58 14.81
C LEU A 106 -4.91 -8.36 13.68
N THR A 107 -4.52 -7.54 12.68
CA THR A 107 -5.42 -7.25 11.55
C THR A 107 -5.28 -8.31 10.45
N PHE A 108 -4.17 -9.01 10.49
CA PHE A 108 -3.90 -10.09 9.50
C PHE A 108 -5.00 -11.11 9.41
N GLY A 109 -5.67 -11.12 8.25
CA GLY A 109 -6.70 -12.12 7.97
C GLY A 109 -7.95 -11.94 8.81
N ASP A 110 -8.11 -10.84 9.57
CA ASP A 110 -9.12 -10.81 10.62
C ASP A 110 -10.16 -9.79 10.25
N VAL A 111 -11.33 -10.29 9.81
CA VAL A 111 -12.36 -9.37 9.30
C VAL A 111 -12.89 -8.36 10.33
N ALA A 112 -13.16 -8.85 11.55
CA ALA A 112 -13.66 -8.01 12.62
C ALA A 112 -12.63 -6.94 13.02
N ASN A 113 -11.37 -7.36 13.11
CA ASN A 113 -10.31 -6.46 13.62
C ASN A 113 -10.06 -5.37 12.59
N LYS A 114 -10.12 -5.72 11.33
CA LYS A 114 -10.02 -4.68 10.28
C LYS A 114 -11.09 -3.66 10.26
N ALA A 115 -12.32 -4.14 10.38
CA ALA A 115 -13.44 -3.28 10.47
C ALA A 115 -13.46 -2.36 11.71
N THR A 116 -13.14 -2.89 12.90
CA THR A 116 -13.01 -2.09 14.03
C THR A 116 -11.97 -0.91 13.87
N LEU A 117 -10.78 -1.28 13.46
CA LEU A 117 -9.72 -0.31 13.37
C LEU A 117 -10.08 0.77 12.33
N CYS A 118 -10.65 0.36 11.20
CA CYS A 118 -11.04 1.38 10.18
C CYS A 118 -12.19 2.31 10.63
N SER A 119 -13.04 1.79 11.49
CA SER A 119 -14.08 2.58 12.19
C SER A 119 -13.57 3.58 13.20
N MET A 120 -12.32 3.42 13.66
CA MET A 120 -11.78 4.35 14.61
C MET A 120 -11.15 5.53 13.91
N LYS A 121 -11.94 6.57 13.64
CA LYS A 121 -11.48 7.54 12.66
C LYS A 121 -10.30 8.33 13.14
N GLY A 122 -10.34 8.72 14.43
CA GLY A 122 -9.26 9.33 15.13
C GLY A 122 -7.95 8.56 15.06
N CYS A 123 -8.06 7.27 15.31
CA CYS A 123 -6.93 6.38 15.18
C CYS A 123 -6.43 6.28 13.74
N MET A 124 -7.32 6.20 12.80
CA MET A 124 -6.92 6.18 11.37
C MET A 124 -6.15 7.43 10.97
N ARG A 125 -6.59 8.60 11.47
N ARG A 125 -6.57 8.62 11.46
CA ARG A 125 -5.91 9.83 11.19
CA ARG A 125 -5.85 9.84 11.10
C ARG A 125 -4.52 9.78 11.79
C ARG A 125 -4.49 9.86 11.82
N ALA A 126 -4.44 9.27 13.04
CA ALA A 126 -3.17 9.16 13.75
C ALA A 126 -2.17 8.29 12.96
N LEU A 127 -2.66 7.16 12.49
CA LEU A 127 -1.82 6.26 11.64
C LEU A 127 -1.28 7.01 10.46
N VAL A 128 -2.13 7.68 9.73
CA VAL A 128 -1.67 8.35 8.52
C VAL A 128 -0.67 9.42 8.84
N ALA A 129 -0.85 10.13 9.96
CA ALA A 129 0.14 11.14 10.35
C ALA A 129 1.51 10.61 10.62
N GLN A 130 1.60 9.34 11.07
CA GLN A 130 2.90 8.76 11.35
C GLN A 130 3.78 8.49 10.10
N LEU A 131 3.19 8.54 8.89
CA LEU A 131 3.96 8.38 7.70
C LEU A 131 5.02 9.47 7.52
N LYS A 132 4.94 10.55 8.26
CA LYS A 132 5.91 11.61 8.25
C LYS A 132 6.83 11.56 9.49
N SER A 133 6.81 10.47 10.23
CA SER A 133 7.64 10.38 11.43
C SER A 133 9.11 10.49 11.04
N GLU A 134 9.89 11.19 11.86
CA GLU A 134 11.34 11.09 11.78
C GLU A 134 11.91 9.64 11.72
N SER A 135 11.23 8.68 12.39
CA SER A 135 11.57 7.27 12.32
C SER A 135 11.02 6.61 11.05
N GLU A 136 11.87 6.34 10.12
CA GLU A 136 11.45 5.65 8.89
C GLU A 136 10.96 4.20 9.21
N ASP A 137 11.51 3.58 10.25
CA ASP A 137 11.09 2.26 10.63
C ASP A 137 9.60 2.38 11.11
N LEU A 138 9.26 3.44 11.81
CA LEU A 138 7.85 3.61 12.18
C LEU A 138 6.98 3.76 10.94
N GLN A 139 7.44 4.48 9.95
CA GLN A 139 6.71 4.55 8.67
C GLN A 139 6.41 3.15 8.10
N GLN A 140 7.38 2.27 8.16
N GLN A 140 7.39 2.26 8.14
CA GLN A 140 7.27 0.91 7.68
CA GLN A 140 7.26 0.90 7.67
C GLN A 140 6.27 0.10 8.46
C GLN A 140 6.19 0.18 8.45
N VAL A 141 6.25 0.34 9.76
CA VAL A 141 5.32 -0.31 10.59
C VAL A 141 3.92 0.14 10.28
N ILE A 142 3.69 1.43 10.14
CA ILE A 142 2.35 2.03 9.84
C ILE A 142 1.87 1.60 8.46
N ALA A 143 2.80 1.58 7.52
CA ALA A 143 2.40 1.11 6.19
C ALA A 143 2.01 -0.36 6.21
N SER A 144 2.61 -1.13 7.06
CA SER A 144 2.20 -2.58 7.22
C SER A 144 0.75 -2.71 7.74
N VAL A 145 0.40 -1.86 8.67
CA VAL A 145 -0.99 -1.82 9.17
C VAL A 145 -1.93 -1.46 8.02
N LEU A 146 -1.65 -0.34 7.31
CA LEU A 146 -2.53 0.14 6.23
C LEU A 146 -2.65 -0.92 5.14
N ARG A 147 -1.59 -1.64 4.85
CA ARG A 147 -1.65 -2.72 3.83
C ARG A 147 -2.74 -3.78 4.17
N ASN A 148 -2.71 -4.22 5.43
CA ASN A 148 -3.70 -5.18 5.96
C ASN A 148 -5.08 -4.62 5.93
N LEU A 149 -5.23 -3.39 6.35
CA LEU A 149 -6.56 -2.77 6.39
C LEU A 149 -7.14 -2.60 5.00
N SER A 150 -6.24 -2.41 4.01
CA SER A 150 -6.68 -2.16 2.61
C SER A 150 -6.92 -3.48 1.86
N TRP A 151 -6.65 -4.60 2.46
CA TRP A 151 -6.87 -5.87 1.81
C TRP A 151 -8.24 -6.37 2.17
N ARG A 152 -9.08 -6.57 1.14
CA ARG A 152 -10.44 -7.01 1.33
C ARG A 152 -11.24 -6.11 2.29
N ALA A 153 -11.07 -4.80 2.17
CA ALA A 153 -11.71 -3.81 3.00
C ALA A 153 -13.16 -3.82 2.63
N ASP A 154 -14.06 -3.74 3.59
CA ASP A 154 -15.48 -3.52 3.27
C ASP A 154 -15.80 -2.14 2.80
N VAL A 155 -17.07 -1.86 2.50
CA VAL A 155 -17.32 -0.56 1.88
C VAL A 155 -17.07 0.61 2.85
N ASN A 156 -17.41 0.46 4.16
CA ASN A 156 -17.15 1.53 5.14
C ASN A 156 -15.64 1.74 5.34
N SER A 157 -14.91 0.61 5.42
CA SER A 157 -13.46 0.72 5.62
C SER A 157 -12.76 1.39 4.37
N LYS A 158 -13.20 1.05 3.16
CA LYS A 158 -12.70 1.76 1.96
C LYS A 158 -12.93 3.21 2.01
N LYS A 159 -14.12 3.57 2.49
CA LYS A 159 -14.45 4.95 2.54
C LYS A 159 -13.58 5.67 3.55
N THR A 160 -13.33 5.06 4.71
CA THR A 160 -12.53 5.67 5.70
C THR A 160 -11.05 5.83 5.28
N LEU A 161 -10.49 4.76 4.74
CA LEU A 161 -9.10 4.79 4.21
C LEU A 161 -8.89 5.94 3.23
N ARG A 162 -9.88 6.13 2.36
CA ARG A 162 -9.80 7.26 1.44
C ARG A 162 -9.93 8.63 2.15
N GLU A 163 -10.95 8.76 2.98
CA GLU A 163 -11.23 10.05 3.62
C GLU A 163 -10.13 10.54 4.50
N VAL A 164 -9.39 9.60 5.13
CA VAL A 164 -8.26 10.08 5.96
C VAL A 164 -6.97 10.41 5.21
N GLY A 165 -7.03 10.32 3.88
CA GLY A 165 -5.97 10.76 3.03
C GLY A 165 -4.83 9.76 2.94
N SER A 166 -5.11 8.47 3.12
N SER A 166 -5.11 8.47 3.13
CA SER A 166 -4.02 7.45 3.14
CA SER A 166 -4.03 7.43 3.12
C SER A 166 -3.29 7.31 1.85
C SER A 166 -3.27 7.42 1.85
N VAL A 167 -3.99 7.56 0.73
CA VAL A 167 -3.39 7.42 -0.61
C VAL A 167 -2.34 8.43 -0.90
N LYS A 168 -2.71 9.71 -0.85
CA LYS A 168 -1.72 10.73 -1.02
C LYS A 168 -0.56 10.65 -0.01
N ALA A 169 -0.89 10.34 1.21
CA ALA A 169 0.15 10.19 2.24
C ALA A 169 1.13 9.11 1.97
N LEU A 170 0.70 7.91 1.55
CA LEU A 170 1.56 6.82 1.22
C LEU A 170 2.40 7.07 0.00
N MET A 171 1.77 7.62 -1.03
CA MET A 171 2.48 7.95 -2.23
C MET A 171 3.57 9.00 -2.01
N GLU A 172 3.27 10.06 -1.23
CA GLU A 172 4.31 10.99 -0.84
C GLU A 172 5.42 10.33 -0.02
N CYS A 173 5.03 9.49 0.94
CA CYS A 173 5.94 8.68 1.73
C CYS A 173 6.94 7.92 0.88
N ALA A 174 6.42 7.19 -0.11
CA ALA A 174 7.24 6.36 -0.98
C ALA A 174 8.41 7.13 -1.60
N LEU A 175 8.10 8.36 -2.03
CA LEU A 175 9.14 9.17 -2.69
C LEU A 175 10.37 9.48 -1.85
N GLU A 176 10.23 9.47 -0.54
CA GLU A 176 11.23 9.87 0.45
C GLU A 176 11.89 8.65 1.14
N VAL A 177 11.35 7.43 1.03
CA VAL A 177 11.95 6.35 1.81
C VAL A 177 13.32 5.97 1.24
N LYS A 178 14.22 5.58 2.14
CA LYS A 178 15.56 5.02 1.81
C LYS A 178 15.70 3.56 1.84
N LYS A 179 14.83 2.81 2.54
CA LYS A 179 15.03 1.39 2.61
C LYS A 179 14.04 0.60 1.88
N GLU A 180 14.50 -0.53 1.32
CA GLU A 180 13.69 -1.48 0.65
C GLU A 180 12.53 -1.97 1.54
N SER A 181 12.78 -2.28 2.83
CA SER A 181 11.71 -2.78 3.65
C SER A 181 10.59 -1.78 3.76
N THR A 182 10.91 -0.52 4.03
CA THR A 182 9.90 0.53 4.04
C THR A 182 9.14 0.65 2.70
N LEU A 183 9.88 0.65 1.62
CA LEU A 183 9.24 0.73 0.27
C LEU A 183 8.35 -0.44 0.02
N LYS A 184 8.68 -1.68 0.48
CA LYS A 184 7.86 -2.84 0.22
C LYS A 184 6.53 -2.65 0.91
N SER A 185 6.55 -2.29 2.20
CA SER A 185 5.32 -2.14 2.91
C SER A 185 4.46 -0.97 2.31
N VAL A 186 5.11 0.15 1.98
CA VAL A 186 4.42 1.31 1.40
C VAL A 186 3.78 1.02 0.03
N LEU A 187 4.53 0.41 -0.86
CA LEU A 187 3.98 0.05 -2.20
C LEU A 187 2.93 -1.05 -2.08
N SER A 188 3.05 -1.97 -1.12
CA SER A 188 1.97 -2.99 -0.98
C SER A 188 0.67 -2.37 -0.59
N ALA A 189 0.72 -1.44 0.40
CA ALA A 189 -0.49 -0.73 0.81
C ALA A 189 -1.13 0.07 -0.37
N LEU A 190 -0.28 0.73 -1.16
CA LEU A 190 -0.71 1.51 -2.29
C LEU A 190 -1.27 0.58 -3.37
N TRP A 191 -0.66 -0.60 -3.55
CA TRP A 191 -1.25 -1.53 -4.57
C TRP A 191 -2.63 -1.93 -4.16
N ASN A 192 -2.84 -2.14 -2.86
CA ASN A 192 -4.20 -2.54 -2.38
C ASN A 192 -5.20 -1.43 -2.49
N LEU A 193 -4.79 -0.22 -2.07
CA LEU A 193 -5.56 0.96 -2.16
C LEU A 193 -5.91 1.36 -3.57
N SER A 194 -4.99 1.16 -4.51
CA SER A 194 -5.20 1.56 -5.91
C SER A 194 -6.40 0.78 -6.58
N ALA A 195 -6.77 -0.36 -6.04
CA ALA A 195 -7.87 -1.20 -6.56
C ALA A 195 -9.22 -0.80 -6.00
N HIS A 196 -9.27 0.07 -4.98
CA HIS A 196 -10.59 0.36 -4.35
C HIS A 196 -11.56 1.15 -5.18
N CYS A 197 -11.10 2.17 -5.86
CA CYS A 197 -11.90 3.14 -6.56
C CYS A 197 -11.07 4.03 -7.46
N THR A 198 -11.73 4.75 -8.37
N THR A 198 -11.71 4.77 -8.38
CA THR A 198 -11.03 5.62 -9.30
CA THR A 198 -10.95 5.61 -9.32
C THR A 198 -10.42 6.84 -8.65
C THR A 198 -10.51 6.94 -8.73
N GLU A 199 -11.08 7.31 -7.60
CA GLU A 199 -10.53 8.47 -6.84
C GLU A 199 -9.14 8.12 -6.31
N ASN A 200 -8.99 6.90 -5.77
CA ASN A 200 -7.67 6.54 -5.27
C ASN A 200 -6.62 6.52 -6.40
N LYS A 201 -7.02 6.05 -7.60
N LYS A 201 -6.99 6.08 -7.62
CA LYS A 201 -6.19 5.95 -8.78
CA LYS A 201 -6.07 6.02 -8.73
C LYS A 201 -5.76 7.37 -9.20
C LYS A 201 -5.72 7.43 -9.16
N ALA A 202 -6.73 8.28 -9.22
CA ALA A 202 -6.44 9.71 -9.50
C ALA A 202 -5.48 10.39 -8.51
N ASP A 203 -5.62 10.05 -7.22
CA ASP A 203 -4.83 10.66 -6.15
C ASP A 203 -3.37 10.20 -6.29
N ILE A 204 -3.12 8.98 -6.74
CA ILE A 204 -1.75 8.52 -6.96
C ILE A 204 -1.18 9.31 -8.08
N CYS A 205 -1.90 9.38 -9.21
CA CYS A 205 -1.38 10.01 -10.41
C CYS A 205 -1.15 11.53 -10.17
N ALA A 206 -1.90 12.12 -9.25
CA ALA A 206 -1.74 13.58 -8.95
C ALA A 206 -0.47 14.01 -8.21
N VAL A 207 0.16 13.09 -7.47
CA VAL A 207 1.31 13.43 -6.66
C VAL A 207 2.45 13.64 -7.63
N ASP A 208 3.07 14.81 -7.55
N ASP A 208 3.04 14.82 -7.58
CA ASP A 208 4.21 15.21 -8.45
CA ASP A 208 4.15 15.20 -8.49
C ASP A 208 5.37 14.23 -8.32
C ASP A 208 5.35 14.24 -8.33
N GLY A 209 5.78 13.62 -9.43
CA GLY A 209 6.90 12.67 -9.41
C GLY A 209 6.50 11.20 -9.20
N ALA A 210 5.22 10.93 -8.94
CA ALA A 210 4.81 9.58 -8.56
C ALA A 210 4.92 8.66 -9.75
N LEU A 211 4.44 9.09 -10.90
CA LEU A 211 4.42 8.23 -12.04
C LEU A 211 5.85 7.81 -12.46
N ALA A 212 6.75 8.80 -12.47
CA ALA A 212 8.11 8.47 -12.81
C ALA A 212 8.70 7.47 -11.80
N PHE A 213 8.42 7.73 -10.53
CA PHE A 213 8.88 6.87 -9.49
C PHE A 213 8.39 5.47 -9.67
N LEU A 214 7.09 5.29 -9.92
CA LEU A 214 6.54 4.01 -10.13
C LEU A 214 7.16 3.26 -11.36
N VAL A 215 7.34 3.99 -12.46
CA VAL A 215 8.06 3.44 -13.61
C VAL A 215 9.46 2.91 -13.16
N GLY A 216 10.08 3.69 -12.31
CA GLY A 216 11.44 3.36 -11.79
C GLY A 216 11.42 2.01 -11.10
N THR A 217 10.34 1.73 -10.35
CA THR A 217 10.28 0.51 -9.57
C THR A 217 10.20 -0.72 -10.43
N LEU A 218 9.79 -0.55 -11.68
CA LEU A 218 9.65 -1.71 -12.61
C LEU A 218 11.00 -2.39 -12.89
N THR A 219 12.08 -1.66 -12.64
CA THR A 219 13.43 -2.16 -12.86
C THR A 219 14.27 -2.17 -11.57
N TYR A 220 13.59 -2.27 -10.46
CA TYR A 220 14.25 -2.28 -9.17
C TYR A 220 15.18 -3.44 -9.05
N ARG A 221 16.28 -3.19 -8.38
CA ARG A 221 17.35 -4.15 -8.25
C ARG A 221 17.34 -4.43 -6.77
N SER A 222 16.62 -5.49 -6.40
CA SER A 222 16.46 -5.91 -5.05
C SER A 222 17.77 -6.57 -4.60
N GLN A 223 18.29 -6.17 -3.45
CA GLN A 223 19.42 -6.90 -2.85
C GLN A 223 19.02 -8.19 -2.16
N THR A 224 17.71 -8.49 -2.00
CA THR A 224 17.25 -9.62 -1.22
C THR A 224 16.67 -10.71 -2.11
N ASN A 225 17.14 -10.82 -3.35
CA ASN A 225 16.62 -11.85 -4.32
C ASN A 225 15.08 -12.03 -4.28
N THR A 226 14.36 -10.90 -4.33
N THR A 226 14.35 -10.91 -4.37
CA THR A 226 12.88 -10.91 -4.37
CA THR A 226 12.88 -10.96 -4.41
C THR A 226 12.32 -9.97 -5.45
C THR A 226 12.31 -9.94 -5.42
N LEU A 227 11.05 -10.18 -5.77
CA LEU A 227 10.41 -9.43 -6.82
C LEU A 227 9.35 -8.51 -6.26
N ALA A 228 9.27 -8.42 -4.92
CA ALA A 228 8.20 -7.76 -4.24
C ALA A 228 8.06 -6.29 -4.76
N ILE A 229 9.15 -5.56 -4.91
CA ILE A 229 9.07 -4.17 -5.34
C ILE A 229 8.54 -4.04 -6.77
N ILE A 230 9.07 -4.86 -7.67
CA ILE A 230 8.60 -4.86 -9.08
C ILE A 230 7.15 -5.23 -9.16
N GLU A 231 6.74 -6.24 -8.37
CA GLU A 231 5.36 -6.67 -8.35
C GLU A 231 4.36 -5.59 -7.88
N SER A 232 4.66 -4.97 -6.75
N SER A 232 4.63 -4.96 -6.75
CA SER A 232 3.83 -3.89 -6.20
CA SER A 232 3.76 -3.85 -6.27
C SER A 232 3.84 -2.61 -7.02
C SER A 232 3.82 -2.61 -7.09
N GLY A 233 5.01 -2.20 -7.47
CA GLY A 233 5.13 -0.96 -8.30
C GLY A 233 4.38 -1.20 -9.62
N GLY A 234 4.57 -2.36 -10.24
CA GLY A 234 3.84 -2.69 -11.44
C GLY A 234 2.33 -2.90 -11.25
N GLY A 235 1.92 -3.37 -10.09
CA GLY A 235 0.49 -3.54 -9.74
C GLY A 235 -0.22 -2.23 -9.55
N ILE A 236 0.46 -1.26 -8.93
CA ILE A 236 -0.02 0.14 -8.83
C ILE A 236 -0.19 0.70 -10.23
N LEU A 237 0.85 0.54 -11.02
CA LEU A 237 0.76 1.04 -12.36
C LEU A 237 -0.30 0.46 -13.19
N ARG A 238 -0.48 -0.86 -13.11
CA ARG A 238 -1.51 -1.50 -13.89
C ARG A 238 -2.92 -0.93 -13.43
N ASN A 239 -3.11 -0.84 -12.13
N ASN A 239 -3.12 -0.83 -12.15
CA ASN A 239 -4.33 -0.27 -11.53
CA ASN A 239 -4.34 -0.21 -11.60
C ASN A 239 -4.62 1.19 -11.92
C ASN A 239 -4.61 1.18 -12.12
N VAL A 240 -3.59 2.02 -12.10
CA VAL A 240 -3.80 3.41 -12.49
C VAL A 240 -3.73 3.63 -14.00
N SER A 241 -3.35 2.60 -14.75
CA SER A 241 -3.15 2.74 -16.21
C SER A 241 -4.39 3.13 -16.96
N SER A 242 -5.58 2.75 -16.42
CA SER A 242 -6.83 3.13 -17.06
C SER A 242 -6.98 4.67 -17.16
N LEU A 243 -6.53 5.36 -16.09
CA LEU A 243 -6.51 6.80 -16.13
C LEU A 243 -5.36 7.36 -16.91
N ILE A 244 -4.18 6.78 -16.72
CA ILE A 244 -2.99 7.29 -17.45
C ILE A 244 -3.31 7.36 -18.98
N ALA A 245 -4.00 6.32 -19.46
CA ALA A 245 -4.43 6.22 -20.87
C ALA A 245 -5.21 7.45 -21.40
N THR A 246 -5.84 8.19 -20.50
CA THR A 246 -6.62 9.38 -20.81
C THR A 246 -5.80 10.66 -20.78
N ASN A 247 -4.52 10.61 -20.40
CA ASN A 247 -3.83 11.87 -20.07
C ASN A 247 -2.50 11.81 -20.80
N GLU A 248 -2.37 12.64 -21.84
CA GLU A 248 -1.15 12.64 -22.65
C GLU A 248 0.12 13.00 -21.87
N ASP A 249 0.01 13.89 -20.91
CA ASP A 249 1.11 14.25 -20.04
C ASP A 249 1.63 13.03 -19.24
N HIS A 250 0.71 12.25 -18.76
CA HIS A 250 1.04 11.06 -18.01
C HIS A 250 1.58 10.00 -18.91
N ARG A 251 1.07 9.82 -20.13
CA ARG A 251 1.66 8.78 -21.01
C ARG A 251 3.11 9.18 -21.30
N GLN A 252 3.33 10.47 -21.53
CA GLN A 252 4.68 10.98 -21.83
C GLN A 252 5.67 10.68 -20.74
N ILE A 253 5.26 10.87 -19.49
CA ILE A 253 6.17 10.54 -18.36
C ILE A 253 6.54 9.04 -18.49
N LEU A 254 5.55 8.18 -18.63
CA LEU A 254 5.88 6.80 -18.88
C LEU A 254 6.89 6.57 -20.06
N ARG A 255 6.61 7.16 -21.24
CA ARG A 255 7.47 6.90 -22.35
C ARG A 255 8.94 7.29 -22.03
N GLU A 256 9.14 8.43 -21.44
CA GLU A 256 10.51 8.90 -21.26
C GLU A 256 11.23 8.39 -20.00
N ASN A 257 10.64 7.39 -19.37
CA ASN A 257 11.30 6.58 -18.36
C ASN A 257 11.34 5.12 -18.79
N ASN A 258 11.21 4.89 -20.10
CA ASN A 258 11.34 3.62 -20.76
C ASN A 258 10.31 2.61 -20.27
N CYS A 259 9.13 3.09 -19.96
CA CYS A 259 8.07 2.15 -19.48
C CYS A 259 7.69 1.09 -20.48
N LEU A 260 7.45 1.45 -21.74
CA LEU A 260 6.97 0.51 -22.67
C LEU A 260 7.92 -0.72 -22.92
N GLN A 261 9.21 -0.50 -23.18
N GLN A 261 9.19 -0.48 -23.20
CA GLN A 261 10.16 -1.59 -23.41
CA GLN A 261 10.11 -1.57 -23.42
C GLN A 261 10.29 -2.47 -22.13
C GLN A 261 10.12 -2.47 -22.16
N THR A 262 10.16 -1.85 -20.98
CA THR A 262 10.13 -2.60 -19.75
C THR A 262 8.90 -3.49 -19.59
N LEU A 263 7.71 -2.97 -19.91
CA LEU A 263 6.50 -3.79 -19.79
C LEU A 263 6.59 -5.04 -20.76
N LEU A 264 7.19 -4.83 -21.95
CA LEU A 264 7.39 -5.94 -22.84
C LEU A 264 8.34 -6.99 -22.25
N GLN A 265 9.45 -6.53 -21.65
N GLN A 265 9.47 -6.54 -21.67
CA GLN A 265 10.35 -7.45 -20.96
CA GLN A 265 10.37 -7.44 -20.95
C GLN A 265 9.70 -8.16 -19.76
C GLN A 265 9.65 -8.19 -19.80
N HIS A 266 8.79 -7.50 -19.07
CA HIS A 266 7.99 -8.17 -18.05
C HIS A 266 7.17 -9.40 -18.52
N LEU A 267 6.78 -9.39 -19.79
CA LEU A 267 5.94 -10.46 -20.36
C LEU A 267 6.64 -11.84 -20.30
N LYS A 268 7.97 -11.82 -20.12
CA LYS A 268 8.76 -13.03 -20.00
C LYS A 268 9.04 -13.42 -18.59
N SER A 269 8.53 -12.72 -17.59
CA SER A 269 8.82 -13.06 -16.20
C SER A 269 8.31 -14.49 -15.81
N HIS A 270 9.05 -15.15 -14.90
CA HIS A 270 8.50 -16.31 -14.12
C HIS A 270 7.40 -15.91 -13.10
N SER A 271 7.23 -14.60 -12.78
CA SER A 271 6.17 -14.24 -11.90
C SER A 271 4.90 -14.02 -12.71
N LEU A 272 3.86 -14.77 -12.40
CA LEU A 272 2.65 -14.57 -13.09
C LEU A 272 2.06 -13.15 -12.72
N THR A 273 2.38 -12.67 -11.54
CA THR A 273 1.94 -11.38 -11.10
C THR A 273 2.57 -10.29 -12.00
N ILE A 274 3.85 -10.39 -12.28
CA ILE A 274 4.51 -9.40 -13.11
C ILE A 274 3.90 -9.47 -14.52
N VAL A 275 3.68 -10.67 -15.06
CA VAL A 275 3.20 -10.81 -16.41
C VAL A 275 1.77 -10.23 -16.52
N SER A 276 0.97 -10.58 -15.52
CA SER A 276 -0.46 -10.12 -15.45
C SER A 276 -0.50 -8.56 -15.36
N ASN A 277 0.29 -8.01 -14.45
CA ASN A 277 0.39 -6.53 -14.31
C ASN A 277 0.78 -5.89 -15.66
N ALA A 278 1.73 -6.49 -16.38
CA ALA A 278 2.19 -5.93 -17.64
C ALA A 278 1.13 -5.99 -18.71
N CYS A 279 0.41 -7.11 -18.80
CA CYS A 279 -0.70 -7.30 -19.77
C CYS A 279 -1.76 -6.29 -19.56
N GLY A 280 -2.12 -6.07 -18.28
CA GLY A 280 -3.18 -5.14 -17.92
C GLY A 280 -2.80 -3.70 -18.28
N THR A 281 -1.58 -3.32 -18.00
CA THR A 281 -1.11 -1.99 -18.36
C THR A 281 -1.02 -1.81 -19.87
N LEU A 282 -0.52 -2.82 -20.58
CA LEU A 282 -0.43 -2.76 -22.03
C LEU A 282 -1.81 -2.68 -22.67
N TRP A 283 -2.77 -3.41 -22.08
CA TRP A 283 -4.14 -3.38 -22.59
C TRP A 283 -4.60 -1.92 -22.67
N ASN A 284 -4.46 -1.23 -21.56
CA ASN A 284 -4.88 0.16 -21.53
C ASN A 284 -4.04 1.11 -22.36
N LEU A 285 -2.70 1.03 -22.30
CA LEU A 285 -1.85 1.97 -23.03
C LEU A 285 -1.89 1.73 -24.54
N SER A 286 -2.28 0.52 -24.95
CA SER A 286 -2.34 0.28 -26.40
C SER A 286 -3.61 0.80 -27.03
N ALA A 287 -4.53 1.34 -26.26
CA ALA A 287 -5.78 1.85 -26.80
C ALA A 287 -5.64 3.31 -27.29
N ARG A 288 -6.11 3.58 -28.48
CA ARG A 288 -6.21 4.96 -28.97
C ARG A 288 -5.00 5.70 -29.44
N ASN A 289 -3.87 5.64 -28.74
N ASN A 289 -3.84 5.42 -28.88
CA ASN A 289 -2.77 6.51 -29.04
CA ASN A 289 -2.72 6.26 -29.09
C ASN A 289 -1.89 5.87 -30.13
C ASN A 289 -1.92 5.71 -30.22
N PRO A 290 -1.91 6.42 -31.38
CA PRO A 290 -1.17 5.84 -32.46
C PRO A 290 0.32 5.86 -32.21
N LYS A 291 0.82 6.86 -31.54
CA LYS A 291 2.25 6.82 -31.31
C LYS A 291 2.68 5.67 -30.41
N ASP A 292 1.94 5.42 -29.34
CA ASP A 292 2.28 4.26 -28.48
C ASP A 292 2.06 2.94 -29.16
N GLN A 293 1.00 2.88 -30.02
CA GLN A 293 0.80 1.67 -30.81
C GLN A 293 2.01 1.37 -31.73
N GLU A 294 2.52 2.38 -32.39
CA GLU A 294 3.60 2.24 -33.34
C GLU A 294 4.86 1.88 -32.57
N ALA A 295 5.07 2.54 -31.41
CA ALA A 295 6.27 2.19 -30.57
C ALA A 295 6.22 0.71 -30.23
N LEU A 296 5.06 0.20 -29.79
CA LEU A 296 4.92 -1.18 -29.44
C LEU A 296 5.09 -2.16 -30.62
N TRP A 297 4.52 -1.82 -31.75
CA TRP A 297 4.72 -2.62 -32.98
C TRP A 297 6.24 -2.74 -33.24
N ASP A 298 6.92 -1.62 -33.16
CA ASP A 298 8.38 -1.55 -33.50
C ASP A 298 9.23 -2.35 -32.57
N MET A 299 8.76 -2.50 -31.33
CA MET A 299 9.43 -3.45 -30.39
C MET A 299 9.03 -4.90 -30.39
N GLY A 300 8.25 -5.34 -31.39
CA GLY A 300 7.85 -6.69 -31.52
C GLY A 300 6.75 -7.07 -30.50
N ALA A 301 5.98 -6.12 -29.97
CA ALA A 301 4.91 -6.44 -29.02
C ALA A 301 3.93 -7.46 -29.55
N VAL A 302 3.62 -7.36 -30.86
CA VAL A 302 2.58 -8.23 -31.43
C VAL A 302 2.94 -9.73 -31.20
N SER A 303 4.13 -10.16 -31.59
CA SER A 303 4.43 -11.58 -31.34
C SER A 303 4.55 -11.92 -29.87
N MET A 304 5.06 -10.99 -29.09
CA MET A 304 5.17 -11.24 -27.63
C MET A 304 3.82 -11.47 -26.99
N LEU A 305 2.84 -10.66 -27.36
CA LEU A 305 1.49 -10.79 -26.80
C LEU A 305 0.80 -12.04 -27.31
N LYS A 306 1.05 -12.39 -28.58
CA LYS A 306 0.44 -13.60 -29.16
C LYS A 306 0.90 -14.85 -28.38
N ASN A 307 2.11 -14.82 -27.88
CA ASN A 307 2.60 -15.87 -27.11
C ASN A 307 1.86 -16.10 -25.80
N LEU A 308 0.97 -15.18 -25.32
CA LEU A 308 0.35 -15.36 -24.04
C LEU A 308 -1.13 -15.62 -24.11
N ILE A 309 -1.71 -15.54 -25.31
CA ILE A 309 -3.17 -15.55 -25.46
C ILE A 309 -3.83 -16.90 -25.03
N HIS A 310 -3.01 -17.95 -24.96
CA HIS A 310 -3.52 -19.24 -24.48
C HIS A 310 -3.28 -19.54 -23.06
N SER A 311 -2.80 -18.55 -22.29
CA SER A 311 -2.58 -18.75 -20.84
C SER A 311 -3.75 -19.27 -20.10
N LYS A 312 -3.45 -20.09 -19.13
CA LYS A 312 -4.45 -20.59 -18.13
C LYS A 312 -4.94 -19.51 -17.18
N HIS A 313 -4.15 -18.44 -17.08
CA HIS A 313 -4.35 -17.37 -16.09
C HIS A 313 -5.28 -16.38 -16.80
N LYS A 314 -6.50 -16.20 -16.25
CA LYS A 314 -7.57 -15.57 -16.96
C LYS A 314 -7.17 -14.14 -17.33
N MET A 315 -6.49 -13.40 -16.41
CA MET A 315 -6.19 -11.98 -16.71
C MET A 315 -5.05 -11.83 -17.69
N ILE A 316 -4.10 -12.75 -17.69
CA ILE A 316 -3.07 -12.79 -18.69
C ILE A 316 -3.63 -13.04 -20.09
N ALA A 317 -4.50 -14.02 -20.17
CA ALA A 317 -5.11 -14.36 -21.47
C ALA A 317 -6.00 -13.24 -21.95
N MET A 318 -6.81 -12.66 -21.08
CA MET A 318 -7.68 -11.57 -21.42
C MET A 318 -6.88 -10.29 -21.88
N GLY A 319 -5.92 -9.90 -21.04
CA GLY A 319 -5.20 -8.68 -21.30
C GLY A 319 -4.32 -8.76 -22.52
N SER A 320 -3.60 -9.89 -22.65
CA SER A 320 -2.77 -10.10 -23.87
C SER A 320 -3.60 -10.05 -25.12
N ALA A 321 -4.77 -10.74 -25.14
CA ALA A 321 -5.61 -10.71 -26.32
C ALA A 321 -6.19 -9.32 -26.62
N ALA A 322 -6.57 -8.58 -25.59
CA ALA A 322 -7.07 -7.23 -25.76
C ALA A 322 -6.06 -6.24 -26.29
N ALA A 323 -4.87 -6.23 -25.67
CA ALA A 323 -3.78 -5.44 -26.20
C ALA A 323 -3.48 -5.81 -27.65
N LEU A 324 -3.38 -7.10 -27.91
CA LEU A 324 -3.16 -7.59 -29.32
C LEU A 324 -4.26 -7.06 -30.26
N ARG A 325 -5.55 -7.11 -29.90
N ARG A 325 -5.54 -7.13 -29.88
CA ARG A 325 -6.59 -6.59 -30.79
CA ARG A 325 -6.65 -6.56 -30.68
C ARG A 325 -6.37 -5.12 -31.00
C ARG A 325 -6.35 -5.14 -31.00
N ASN A 326 -6.02 -4.39 -29.93
CA ASN A 326 -5.66 -2.97 -30.15
C ASN A 326 -4.52 -2.72 -31.17
N LEU A 327 -3.49 -3.50 -31.08
CA LEU A 327 -2.42 -3.33 -32.00
C LEU A 327 -2.87 -3.76 -33.41
N MET A 328 -3.46 -4.94 -33.53
N MET A 328 -3.48 -4.92 -33.55
CA MET A 328 -3.81 -5.53 -34.86
CA MET A 328 -3.80 -5.48 -34.89
C MET A 328 -4.81 -4.68 -35.62
C MET A 328 -4.79 -4.63 -35.65
N ALA A 329 -5.66 -3.91 -34.91
CA ALA A 329 -6.59 -3.01 -35.51
C ALA A 329 -5.95 -1.73 -35.98
N ASN A 330 -4.72 -1.48 -35.57
CA ASN A 330 -4.07 -0.21 -35.91
C ASN A 330 -2.62 -0.47 -36.42
N ARG A 331 -2.46 -1.33 -37.42
N ARG A 331 -2.48 -1.33 -37.42
CA ARG A 331 -1.12 -1.65 -37.98
CA ARG A 331 -1.22 -1.58 -38.10
C ARG A 331 -0.54 -0.39 -38.64
C ARG A 331 -0.61 -0.21 -38.51
N PRO A 332 0.67 0.03 -38.19
CA PRO A 332 1.07 1.36 -38.63
C PRO A 332 1.31 1.44 -40.18
N ALA A 333 1.18 2.67 -40.68
CA ALA A 333 1.18 2.93 -42.13
C ALA A 333 2.52 2.44 -42.71
N LYS A 334 3.62 2.69 -41.97
CA LYS A 334 4.91 2.22 -42.45
C LYS A 334 4.97 0.73 -42.63
N TYR A 335 4.20 0.00 -41.84
CA TYR A 335 4.14 -1.45 -42.04
C TYR A 335 3.32 -1.84 -43.29
N LYS A 336 2.23 -1.13 -43.55
CA LYS A 336 1.36 -1.49 -44.67
C LYS A 336 2.25 -1.35 -45.91
N ASP A 337 2.52 -2.47 -46.63
CA ASP A 337 3.91 -3.04 -46.99
C ASP A 337 5.08 -2.06 -47.14
N ALA A 338 4.70 -0.85 -47.48
CA ALA A 338 5.22 0.31 -46.84
C ALA A 338 4.22 1.41 -47.08
N ASN A 339 4.32 2.45 -46.24
CA ASN A 339 3.51 3.66 -46.30
C ASN A 339 2.06 3.40 -46.45
N ALA B 2 -1.75 -6.95 -3.28
CA ALA B 2 -0.56 -7.29 -2.64
C ALA B 2 -1.06 -8.28 -1.63
N GLY B 3 -2.26 -8.42 -1.07
CA GLY B 3 -2.39 -9.33 0.07
C GLY B 3 -2.01 -8.68 1.40
N GLU B 4 -2.04 -9.46 2.48
CA GLU B 4 -2.01 -8.93 3.88
C GLU B 4 -0.85 -9.61 4.47
N SER B 5 -0.43 -9.23 5.65
CA SER B 5 0.56 -9.99 6.32
C SER B 5 0.96 -9.55 7.73
N LEU B 6 1.59 -10.57 8.42
CA LEU B 6 2.06 -10.38 9.80
C LEU B 6 3.27 -9.47 9.72
N TYR B 7 3.58 -8.76 10.77
CA TYR B 7 4.58 -7.76 10.74
C TYR B 7 5.87 -8.42 10.31
N GLU B 8 6.54 -7.78 9.39
CA GLU B 8 7.86 -8.22 9.05
C GLU B 8 8.96 -7.17 9.27
#